data_7RKB
#
_entry.id   7RKB
#
_cell.length_a   83.521
_cell.length_b   83.521
_cell.length_c   45.884
_cell.angle_alpha   90.000
_cell.angle_beta   90.000
_cell.angle_gamma   90.000
#
_symmetry.space_group_name_H-M   'P 41 21 2'
#
loop_
_entity.id
_entity.type
_entity.pdbx_description
1 polymer 'Pterin Binding Protein'
2 non-polymer L-NEOPTERIN
3 non-polymer 'CHLORIDE ION'
4 non-polymer 'SULFATE ION'
5 water water
#
_entity_poly.entity_id   1
_entity_poly.type   'polypeptide(L)'
_entity_poly.pdbx_seq_one_letter_code
;SNAEKLPAPTGKPVLTISGKIGN(MSE)NVGDKAVFDLA(MSE)LEKLG(MSE)KTIETTTPWYTGKVRFDGIPLNKL
(MSE)DLVGAKGTSARVLALNDYTTIIPIDDFYKFPVI(MSE)ALK(MSE)NGQY(MSE)RIRDKGPLFIVYPYDSSAEL
QNQIYYSRSAWQVSK(MSE)IIE
;
_entity_poly.pdbx_strand_id   A
#
loop_
_chem_comp.id
_chem_comp.type
_chem_comp.name
_chem_comp.formula
CL non-polymer 'CHLORIDE ION' 'Cl -1'
NEU non-polymer L-NEOPTERIN 'C9 H11 N5 O4'
SO4 non-polymer 'SULFATE ION' 'O4 S -2'
#
# COMPACT_ATOMS: atom_id res chain seq x y z
N GLU A 4 11.76 17.52 4.31
CA GLU A 4 10.89 18.33 5.21
C GLU A 4 10.25 17.41 6.25
N LYS A 5 9.85 18.01 7.37
CA LYS A 5 9.22 17.29 8.47
C LYS A 5 7.86 16.77 7.98
N LEU A 6 7.34 15.75 8.69
CA LEU A 6 6.06 15.14 8.36
C LEU A 6 4.99 15.65 9.32
N PRO A 7 3.86 16.19 8.81
CA PRO A 7 2.82 16.74 9.68
C PRO A 7 1.96 15.69 10.37
N ALA A 8 1.16 16.16 11.34
CA ALA A 8 0.25 15.29 12.07
C ALA A 8 -1.05 15.16 11.29
N PRO A 9 -1.80 14.05 11.45
CA PRO A 9 -3.06 13.86 10.74
C PRO A 9 -4.21 14.65 11.38
N THR A 10 -4.99 15.32 10.51
CA THR A 10 -6.15 16.09 10.95
C THR A 10 -7.36 15.16 10.94
N GLY A 11 -7.48 14.37 9.86
CA GLY A 11 -8.57 13.41 9.69
C GLY A 11 -8.29 12.12 10.45
N LYS A 12 -9.22 11.17 10.41
CA LYS A 12 -9.01 9.91 11.13
C LYS A 12 -7.94 9.10 10.40
N PRO A 13 -7.08 8.36 11.13
CA PRO A 13 -6.02 7.56 10.51
C PRO A 13 -6.52 6.38 9.66
N VAL A 14 -5.90 6.19 8.48
CA VAL A 14 -6.24 5.09 7.59
C VAL A 14 -5.04 4.16 7.45
N LEU A 15 -3.83 4.69 7.63
CA LEU A 15 -2.62 3.90 7.55
C LEU A 15 -1.64 4.33 8.62
N THR A 16 -1.00 3.35 9.26
CA THR A 16 -0.01 3.60 10.30
C THR A 16 1.24 2.79 10.00
N ILE A 17 2.34 3.49 9.70
CA ILE A 17 3.61 2.85 9.44
C ILE A 17 4.50 3.02 10.67
N SER A 18 5.23 1.95 11.01
CA SER A 18 6.11 1.96 12.17
C SER A 18 7.33 1.09 11.88
N GLY A 19 8.19 0.93 12.88
CA GLY A 19 9.39 0.11 12.75
C GLY A 19 10.62 0.94 12.39
N LYS A 20 11.42 0.42 11.45
CA LYS A 20 12.66 1.06 11.03
C LYS A 20 12.37 2.19 10.03
N ILE A 21 11.85 3.31 10.55
CA ILE A 21 11.53 4.49 9.75
C ILE A 21 12.21 5.70 10.37
N GLY A 22 12.51 6.71 9.55
CA GLY A 22 13.18 7.92 9.98
C GLY A 22 12.27 9.12 10.16
N ASN A 23 11.09 9.11 9.54
CA ASN A 23 10.17 10.24 9.64
C ASN A 23 8.88 9.79 10.31
N MSE A 24 8.65 10.31 11.53
CA MSE A 24 7.45 9.98 12.30
C MSE A 24 6.72 11.28 12.65
O MSE A 24 7.33 12.34 12.68
CB MSE A 24 7.81 9.20 13.57
CG MSE A 24 9.09 9.62 14.26
SE MSE A 24 10.63 8.51 13.74
CE MSE A 24 9.89 6.71 14.09
N ASN A 25 5.41 11.17 12.91
CA ASN A 25 4.60 12.33 13.24
C ASN A 25 3.78 12.09 14.50
N VAL A 26 3.68 10.84 14.95
CA VAL A 26 2.94 10.50 16.15
C VAL A 26 3.75 9.45 16.90
N GLY A 27 4.59 9.92 17.82
CA GLY A 27 5.44 9.01 18.58
C GLY A 27 6.49 8.42 17.66
N ASP A 28 6.65 7.09 17.72
CA ASP A 28 7.61 6.39 16.89
C ASP A 28 6.87 5.82 15.68
N LYS A 29 5.90 6.57 15.15
CA LYS A 29 5.08 6.08 14.05
C LYS A 29 4.72 7.17 13.06
N ALA A 30 4.48 6.73 11.82
CA ALA A 30 4.07 7.60 10.73
C ALA A 30 2.59 7.29 10.49
N VAL A 31 1.72 8.20 10.94
CA VAL A 31 0.29 8.02 10.83
C VAL A 31 -0.24 8.90 9.70
N PHE A 32 -1.01 8.29 8.79
CA PHE A 32 -1.54 9.03 7.66
C PHE A 32 -3.06 8.98 7.60
N ASP A 33 -3.67 10.15 7.45
CA ASP A 33 -5.10 10.26 7.25
C ASP A 33 -5.26 10.11 5.74
N LEU A 34 -6.50 10.01 5.26
CA LEU A 34 -6.70 9.84 3.84
C LEU A 34 -6.17 11.06 3.07
N ALA A 35 -6.41 12.26 3.62
CA ALA A 35 -5.97 13.50 2.98
C ALA A 35 -4.46 13.51 2.75
N MSE A 36 -3.67 13.04 3.74
CA MSE A 36 -2.23 13.07 3.61
C MSE A 36 -1.77 12.18 2.46
O MSE A 36 -0.86 12.56 1.71
CB MSE A 36 -1.57 12.63 4.92
CG MSE A 36 -1.39 13.75 5.92
SE MSE A 36 -0.99 13.03 7.70
CE MSE A 36 0.82 12.40 7.31
N LEU A 37 -2.37 11.00 2.34
CA LEU A 37 -2.01 10.07 1.30
C LEU A 37 -2.24 10.68 -0.10
N GLU A 38 -3.34 11.42 -0.24
CA GLU A 38 -3.68 12.01 -1.54
C GLU A 38 -2.75 13.16 -1.90
N LYS A 39 -1.97 13.69 -0.96
CA LYS A 39 -1.04 14.77 -1.28
C LYS A 39 0.08 14.20 -2.15
N LEU A 40 0.35 12.89 -1.99
CA LEU A 40 1.39 12.23 -2.76
C LEU A 40 0.82 11.94 -4.15
N GLY A 41 1.72 11.92 -5.15
CA GLY A 41 1.34 11.67 -6.53
C GLY A 41 0.64 10.32 -6.68
N MSE A 42 -0.29 10.23 -7.63
CA MSE A 42 -1.04 9.00 -7.86
C MSE A 42 -0.58 8.34 -9.14
O MSE A 42 -0.10 8.99 -10.07
CB MSE A 42 -2.54 9.31 -7.91
CG MSE A 42 -3.09 9.98 -6.66
SE MSE A 42 -3.48 8.67 -5.25
CE MSE A 42 -5.30 8.18 -5.78
N LYS A 43 -0.70 7.01 -9.18
CA LYS A 43 -0.34 6.18 -10.32
C LYS A 43 -1.45 5.16 -10.50
N THR A 44 -1.69 4.78 -11.76
CA THR A 44 -2.74 3.84 -12.10
C THR A 44 -2.16 2.49 -12.51
N ILE A 45 -2.87 1.42 -12.16
CA ILE A 45 -2.55 0.06 -12.55
C ILE A 45 -3.82 -0.56 -13.15
N GLU A 46 -3.72 -0.87 -14.45
CA GLU A 46 -4.78 -1.48 -15.23
C GLU A 46 -4.36 -2.94 -15.41
N THR A 47 -5.00 -3.87 -14.69
CA THR A 47 -4.59 -5.26 -14.79
C THR A 47 -5.71 -6.21 -14.40
N THR A 48 -5.63 -7.44 -14.93
CA THR A 48 -6.55 -8.50 -14.57
C THR A 48 -6.13 -8.99 -13.18
N THR A 49 -7.05 -9.63 -12.47
CA THR A 49 -6.74 -10.11 -11.13
C THR A 49 -7.48 -11.42 -10.87
N PRO A 50 -7.04 -12.21 -9.87
CA PRO A 50 -7.74 -13.45 -9.51
C PRO A 50 -8.97 -13.22 -8.64
N TRP A 51 -9.31 -11.95 -8.37
CA TRP A 51 -10.43 -11.62 -7.51
C TRP A 51 -11.61 -11.06 -8.30
N TYR A 52 -11.31 -10.48 -9.47
CA TYR A 52 -12.33 -9.88 -10.33
C TYR A 52 -12.23 -10.45 -11.73
N THR A 53 -13.27 -10.21 -12.54
CA THR A 53 -13.30 -10.68 -13.92
C THR A 53 -12.87 -9.53 -14.83
N GLY A 54 -11.94 -9.82 -15.74
CA GLY A 54 -11.44 -8.82 -16.67
C GLY A 54 -10.49 -7.84 -16.01
N LYS A 55 -10.13 -6.77 -16.74
CA LYS A 55 -9.22 -5.77 -16.21
C LYS A 55 -9.96 -4.81 -15.27
N VAL A 56 -9.21 -4.36 -14.25
CA VAL A 56 -9.68 -3.43 -13.25
C VAL A 56 -8.66 -2.30 -13.13
N ARG A 57 -9.17 -1.09 -12.93
CA ARG A 57 -8.35 0.11 -12.80
C ARG A 57 -8.15 0.47 -11.33
N PHE A 58 -6.89 0.42 -10.89
CA PHE A 58 -6.51 0.75 -9.52
C PHE A 58 -5.71 2.05 -9.50
N ASP A 59 -6.17 3.01 -8.68
CA ASP A 59 -5.52 4.30 -8.53
C ASP A 59 -4.98 4.38 -7.11
N GLY A 60 -3.68 4.64 -6.97
CA GLY A 60 -3.07 4.71 -5.66
C GLY A 60 -1.67 5.33 -5.68
N ILE A 61 -1.03 5.33 -4.50
CA ILE A 61 0.29 5.92 -4.35
C ILE A 61 1.35 4.82 -4.39
N PRO A 62 2.42 5.01 -5.20
CA PRO A 62 3.50 4.02 -5.30
C PRO A 62 4.15 3.84 -3.94
N LEU A 63 4.35 2.59 -3.56
CA LEU A 63 4.93 2.30 -2.23
C LEU A 63 6.40 2.67 -2.21
N ASN A 64 7.02 2.84 -3.38
CA ASN A 64 8.41 3.31 -3.41
C ASN A 64 8.48 4.72 -2.82
N LYS A 65 7.62 5.65 -3.28
CA LYS A 65 7.68 7.00 -2.73
C LYS A 65 7.15 7.02 -1.31
N LEU A 66 6.31 6.04 -0.96
CA LEU A 66 5.77 6.03 0.39
C LEU A 66 6.89 5.66 1.37
N MSE A 67 7.81 4.81 0.92
CA MSE A 67 8.94 4.37 1.73
C MSE A 67 9.94 5.51 1.87
O MSE A 67 10.54 5.70 2.92
CB MSE A 67 9.58 3.13 1.11
CG MSE A 67 8.72 1.89 1.16
SE MSE A 67 8.35 1.25 2.98
CE MSE A 67 6.51 1.87 3.17
N ASP A 68 10.12 6.28 0.79
CA ASP A 68 11.04 7.42 0.81
C ASP A 68 10.52 8.49 1.77
N LEU A 69 9.19 8.60 1.86
CA LEU A 69 8.60 9.64 2.69
C LEU A 69 8.75 9.32 4.18
N VAL A 70 8.72 8.03 4.56
CA VAL A 70 8.87 7.68 5.96
C VAL A 70 10.34 7.35 6.27
N GLY A 71 11.19 7.35 5.25
CA GLY A 71 12.60 7.03 5.46
C GLY A 71 12.77 5.59 5.93
N ALA A 72 12.16 4.66 5.22
CA ALA A 72 12.26 3.24 5.54
C ALA A 72 13.71 2.81 5.46
N LYS A 73 14.18 2.05 6.47
CA LYS A 73 15.55 1.56 6.52
C LYS A 73 15.58 0.07 6.81
N GLY A 74 14.51 -0.64 6.44
CA GLY A 74 14.44 -2.08 6.67
C GLY A 74 14.64 -2.87 5.37
N THR A 75 14.37 -4.17 5.44
CA THR A 75 14.48 -5.05 4.28
C THR A 75 13.11 -5.60 3.92
N SER A 76 12.23 -5.71 4.92
CA SER A 76 10.89 -6.24 4.70
C SER A 76 9.85 -5.33 5.33
N ALA A 77 8.59 -5.56 4.94
CA ALA A 77 7.46 -4.81 5.47
C ALA A 77 6.36 -5.80 5.89
N ARG A 78 6.02 -5.80 7.18
CA ARG A 78 4.97 -6.66 7.70
C ARG A 78 3.65 -5.89 7.54
N VAL A 79 2.80 -6.35 6.61
CA VAL A 79 1.53 -5.67 6.34
C VAL A 79 0.40 -6.39 7.08
N LEU A 80 -0.34 -5.63 7.89
CA LEU A 80 -1.46 -6.13 8.67
C LEU A 80 -2.77 -5.56 8.14
N ALA A 81 -3.77 -6.43 7.95
CA ALA A 81 -5.08 -6.02 7.48
C ALA A 81 -5.88 -5.51 8.68
N LEU A 82 -7.01 -4.86 8.39
CA LEU A 82 -7.84 -4.24 9.40
C LEU A 82 -8.23 -5.27 10.48
N ASN A 83 -8.35 -6.54 10.10
CA ASN A 83 -8.73 -7.58 11.06
C ASN A 83 -7.52 -8.40 11.53
N ASP A 84 -7.18 -9.45 10.78
CA ASP A 84 -6.11 -10.34 11.20
C ASP A 84 -5.16 -10.77 10.08
N TYR A 85 -5.53 -10.56 8.80
CA TYR A 85 -4.64 -11.00 7.73
C TYR A 85 -3.26 -10.39 7.91
N THR A 86 -2.23 -11.16 7.54
CA THR A 86 -0.85 -10.73 7.66
C THR A 86 -0.07 -11.19 6.43
N THR A 87 0.81 -10.32 5.92
CA THR A 87 1.67 -10.67 4.80
C THR A 87 2.97 -9.89 4.95
N ILE A 88 4.08 -10.51 4.50
CA ILE A 88 5.39 -9.88 4.57
C ILE A 88 5.88 -9.64 3.15
N ILE A 89 6.20 -8.38 2.86
CA ILE A 89 6.66 -8.00 1.53
C ILE A 89 8.09 -7.50 1.61
N PRO A 90 9.02 -8.03 0.77
CA PRO A 90 10.38 -7.54 0.75
C PRO A 90 10.30 -6.13 0.16
N ILE A 91 10.89 -5.15 0.86
CA ILE A 91 10.85 -3.78 0.40
C ILE A 91 11.36 -3.69 -1.04
N ASP A 92 12.29 -4.57 -1.41
CA ASP A 92 12.83 -4.58 -2.77
C ASP A 92 11.72 -4.73 -3.80
N ASP A 93 10.59 -5.34 -3.42
CA ASP A 93 9.50 -5.47 -4.39
C ASP A 93 9.02 -4.10 -4.85
N PHE A 94 9.11 -3.11 -3.95
CA PHE A 94 8.62 -1.78 -4.26
C PHE A 94 9.57 -1.05 -5.21
N TYR A 95 10.86 -1.42 -5.16
CA TYR A 95 11.84 -0.77 -6.03
C TYR A 95 11.98 -1.55 -7.32
N LYS A 96 11.67 -2.86 -7.26
CA LYS A 96 11.79 -3.71 -8.43
C LYS A 96 10.54 -3.58 -9.28
N PHE A 97 9.39 -3.38 -8.62
CA PHE A 97 8.12 -3.28 -9.31
C PHE A 97 7.38 -2.00 -8.91
N PRO A 98 6.58 -1.40 -9.81
CA PRO A 98 5.83 -0.19 -9.51
C PRO A 98 4.55 -0.49 -8.73
N VAL A 99 4.74 -1.09 -7.56
CA VAL A 99 3.62 -1.46 -6.71
C VAL A 99 2.97 -0.19 -6.17
N ILE A 100 1.64 -0.21 -6.01
CA ILE A 100 0.92 0.93 -5.46
C ILE A 100 0.07 0.47 -4.28
N MSE A 101 -0.35 1.48 -3.51
CA MSE A 101 -1.26 1.36 -2.38
C MSE A 101 -2.55 1.99 -2.90
O MSE A 101 -2.71 3.20 -2.84
CB MSE A 101 -0.69 2.06 -1.16
CG MSE A 101 -1.61 2.12 0.05
SE MSE A 101 -1.68 0.39 0.95
CE MSE A 101 -0.10 0.59 2.10
N ALA A 102 -3.43 1.16 -3.45
CA ALA A 102 -4.65 1.60 -4.08
C ALA A 102 -5.63 2.24 -3.10
N LEU A 103 -6.25 3.34 -3.56
CA LEU A 103 -7.26 4.09 -2.83
C LEU A 103 -8.60 4.00 -3.55
N LYS A 104 -8.54 3.88 -4.89
CA LYS A 104 -9.72 3.82 -5.73
C LYS A 104 -9.66 2.62 -6.68
N MSE A 105 -10.85 2.15 -7.07
CA MSE A 105 -11.02 1.03 -7.98
C MSE A 105 -12.09 1.42 -9.00
O MSE A 105 -13.26 1.49 -8.65
CB MSE A 105 -11.40 -0.23 -7.20
CG MSE A 105 -11.43 -1.49 -8.04
SE MSE A 105 -12.05 -3.01 -6.98
CE MSE A 105 -13.99 -2.78 -7.27
N ASN A 106 -11.67 1.66 -10.24
CA ASN A 106 -12.57 2.08 -11.31
C ASN A 106 -13.03 3.50 -11.02
N GLY A 107 -12.08 4.36 -10.62
CA GLY A 107 -12.32 5.76 -10.33
C GLY A 107 -13.23 6.01 -9.13
N GLN A 108 -13.41 5.00 -8.28
CA GLN A 108 -14.27 5.15 -7.11
C GLN A 108 -13.54 4.64 -5.88
N TYR A 109 -13.59 5.41 -4.78
CA TYR A 109 -12.95 5.00 -3.53
C TYR A 109 -13.45 3.60 -3.17
N MSE A 110 -12.59 2.82 -2.51
CA MSE A 110 -12.98 1.47 -2.16
C MSE A 110 -13.76 1.47 -0.85
O MSE A 110 -13.40 2.15 0.10
CB MSE A 110 -11.75 0.57 -2.10
CG MSE A 110 -11.43 -0.08 -3.41
SE MSE A 110 -9.60 -0.73 -3.40
CE MSE A 110 -8.69 0.99 -3.55
N ARG A 111 -14.81 0.66 -0.87
CA ARG A 111 -15.69 0.54 0.32
C ARG A 111 -15.00 -0.29 1.38
N ILE A 112 -15.10 0.14 2.62
CA ILE A 112 -14.46 -0.51 3.76
C ILE A 112 -14.94 -1.96 3.88
N ARG A 113 -16.14 -2.22 3.37
CA ARG A 113 -16.71 -3.58 3.45
C ARG A 113 -16.07 -4.49 2.41
N ASP A 114 -15.60 -3.91 1.30
CA ASP A 114 -14.99 -4.68 0.23
C ASP A 114 -13.48 -4.81 0.47
N LYS A 115 -12.67 -4.16 -0.39
CA LYS A 115 -11.22 -4.21 -0.28
C LYS A 115 -10.66 -2.94 0.38
N GLY A 116 -11.47 -1.88 0.40
CA GLY A 116 -11.07 -0.59 0.95
C GLY A 116 -10.76 -0.63 2.45
N PRO A 117 -10.17 0.45 3.01
CA PRO A 117 -9.85 1.66 2.25
C PRO A 117 -8.53 1.63 1.47
N LEU A 118 -7.62 0.72 1.85
CA LEU A 118 -6.32 0.61 1.22
C LEU A 118 -6.12 -0.82 0.72
N PHE A 119 -5.49 -0.95 -0.47
CA PHE A 119 -5.26 -2.23 -1.08
C PHE A 119 -3.96 -2.21 -1.89
N ILE A 120 -3.03 -3.10 -1.51
CA ILE A 120 -1.73 -3.24 -2.16
C ILE A 120 -1.93 -4.04 -3.44
N VAL A 121 -1.53 -3.45 -4.58
CA VAL A 121 -1.72 -4.07 -5.87
C VAL A 121 -0.42 -4.04 -6.68
N TYR A 122 -0.11 -5.17 -7.33
CA TYR A 122 1.02 -5.27 -8.22
C TYR A 122 0.48 -5.29 -9.65
N PRO A 123 1.29 -4.91 -10.66
CA PRO A 123 0.85 -4.94 -12.07
C PRO A 123 1.02 -6.35 -12.60
N TYR A 124 0.13 -7.24 -12.13
CA TYR A 124 0.12 -8.66 -12.43
C TYR A 124 0.29 -8.98 -13.91
N ASP A 125 -0.59 -8.43 -14.77
CA ASP A 125 -0.57 -8.76 -16.19
C ASP A 125 0.64 -8.17 -16.90
N SER A 126 1.43 -7.36 -16.20
CA SER A 126 2.61 -6.76 -16.82
C SER A 126 3.78 -7.74 -16.83
N SER A 127 3.72 -8.79 -16.00
CA SER A 127 4.82 -9.74 -15.93
C SER A 127 4.36 -11.13 -15.52
N ALA A 128 4.86 -12.15 -16.22
CA ALA A 128 4.53 -13.53 -15.92
C ALA A 128 4.98 -13.86 -14.49
N GLU A 129 6.07 -13.23 -14.06
CA GLU A 129 6.64 -13.44 -12.73
C GLU A 129 5.65 -13.02 -11.65
N LEU A 130 4.86 -11.98 -11.91
CA LEU A 130 3.88 -11.47 -10.96
C LEU A 130 2.60 -12.29 -10.93
N GLN A 131 2.47 -13.25 -11.85
N GLN A 131 2.44 -13.22 -11.87
CA GLN A 131 1.27 -14.07 -11.93
CA GLN A 131 1.24 -14.06 -11.92
C GLN A 131 1.45 -15.34 -11.11
C GLN A 131 1.45 -15.34 -11.11
N ASN A 132 1.53 -15.19 -9.78
CA ASN A 132 1.66 -16.35 -8.89
C ASN A 132 1.20 -15.93 -7.49
N GLN A 133 0.90 -16.95 -6.68
CA GLN A 133 0.34 -16.77 -5.35
C GLN A 133 1.24 -15.90 -4.46
N ILE A 134 2.56 -15.91 -4.70
CA ILE A 134 3.46 -15.10 -3.89
C ILE A 134 2.99 -13.66 -3.92
N TYR A 135 2.77 -13.12 -5.12
CA TYR A 135 2.38 -11.73 -5.26
C TYR A 135 0.91 -11.53 -4.92
N TYR A 136 0.09 -12.57 -5.10
CA TYR A 136 -1.32 -12.42 -4.77
C TYR A 136 -1.45 -12.35 -3.25
N SER A 137 -0.68 -13.17 -2.53
CA SER A 137 -0.74 -13.21 -1.08
C SER A 137 -0.24 -11.91 -0.46
N ARG A 138 0.66 -11.22 -1.16
CA ARG A 138 1.21 -9.96 -0.68
C ARG A 138 0.31 -8.78 -1.03
N SER A 139 -0.73 -9.05 -1.83
CA SER A 139 -1.67 -8.01 -2.21
C SER A 139 -2.75 -7.93 -1.13
N ALA A 140 -2.34 -7.45 0.05
CA ALA A 140 -3.23 -7.34 1.19
C ALA A 140 -4.22 -6.19 0.99
N TRP A 141 -5.47 -6.47 1.31
CA TRP A 141 -6.55 -5.49 1.21
C TRP A 141 -6.99 -5.09 2.63
N GLN A 142 -7.76 -4.01 2.72
CA GLN A 142 -8.21 -3.50 4.01
C GLN A 142 -6.98 -3.30 4.89
N VAL A 143 -5.93 -2.72 4.29
CA VAL A 143 -4.67 -2.46 4.96
C VAL A 143 -4.86 -1.35 5.99
N SER A 144 -4.25 -1.52 7.17
CA SER A 144 -4.33 -0.51 8.20
C SER A 144 -2.96 -0.21 8.81
N LYS A 145 -2.10 -1.22 8.93
CA LYS A 145 -0.79 -1.01 9.54
C LYS A 145 0.33 -1.61 8.69
N MSE A 146 1.51 -0.98 8.79
CA MSE A 146 2.71 -1.43 8.10
C MSE A 146 3.88 -1.32 9.07
O MSE A 146 4.07 -0.29 9.71
CB MSE A 146 2.98 -0.59 6.85
CG MSE A 146 2.27 -1.09 5.60
SE MSE A 146 2.39 0.20 4.12
CE MSE A 146 4.02 -0.47 3.30
N ILE A 147 4.67 -2.40 9.19
CA ILE A 147 5.80 -2.41 10.09
C ILE A 147 7.06 -2.76 9.30
N ILE A 148 7.97 -1.78 9.21
CA ILE A 148 9.21 -1.93 8.48
C ILE A 148 10.20 -2.67 9.38
N GLU A 149 10.68 -3.82 8.90
CA GLU A 149 11.60 -4.66 9.65
C GLU A 149 12.87 -4.88 8.81
N2 NEU B . -7.10 -10.68 3.61
C1 NEU B . -6.82 -11.85 2.93
C10 NEU B . -6.02 -11.74 1.72
N9 NEU B . -5.69 -12.85 1.00
C8 NEU B . -4.96 -12.68 -0.08
C7 NEU B . -4.53 -11.39 -0.48
N6 NEU B . -4.83 -10.30 0.20
C5 NEU B . -5.59 -10.47 1.33
N4 NEU B . -5.91 -9.34 2.07
C3 NEU B . -6.64 -9.47 3.17
N13 NEU B . -6.97 -8.39 3.89
C16 NEU B . -4.57 -13.89 -0.91
O21 NEU B . -5.10 -13.77 -2.23
C26 NEU B . -5.05 -15.22 -0.30
O22 NEU B . -6.46 -15.14 -0.07
C28 NEU B . -4.35 -15.60 0.99
O24 NEU B . -2.93 -15.61 0.86
O11 NEU B . -7.25 -12.91 3.38
CL CL C . 7.69 -12.04 -18.87
CL CL D . -11.78 12.32 7.90
CL CL E . 18.26 -3.38 8.21
CL CL F . -8.62 12.81 5.65
CL CL G . 4.51 13.64 -5.47
S SO4 H . -9.05 -10.35 7.25
O1 SO4 H . -8.24 -10.74 8.37
O2 SO4 H . -10.44 -10.46 7.59
O3 SO4 H . -8.77 -11.21 6.13
O4 SO4 H . -8.75 -8.98 6.88
S SO4 I . -18.63 1.49 3.05
O1 SO4 I . -19.88 1.51 3.74
O2 SO4 I . -17.70 2.38 3.70
O3 SO4 I . -18.82 1.92 1.69
O4 SO4 I . -18.10 0.15 3.06
S SO4 J . -11.89 -6.52 -19.96
O1 SO4 J . -12.26 -5.47 -19.05
O2 SO4 J . -11.20 -7.56 -19.25
O3 SO4 J . -13.06 -7.06 -20.59
O4 SO4 J . -11.01 -5.98 -20.98
S SO4 K . -6.95 -0.11 15.50
O1 SO4 K . -5.93 0.52 16.31
O2 SO4 K . -7.30 -1.38 16.07
O3 SO4 K . -6.44 -0.29 14.17
O4 SO4 K . -8.11 0.74 15.45
#